data_3ELG
#
_entry.id   3ELG
#
_cell.length_a   40.242
_cell.length_b   73.507
_cell.length_c   53.544
_cell.angle_alpha   90.000
_cell.angle_beta   108.360
_cell.angle_gamma   90.000
#
_symmetry.space_group_name_H-M   'P 1 21 1'
#
loop_
_entity.id
_entity.type
_entity.pdbx_description
1 polymer 'uncharacterized periplasmic protein'
2 non-polymer 'CITRIC ACID'
3 water water
#
_entity_poly.entity_id   1
_entity_poly.type   'polypeptide(L)'
_entity_poly.pdbx_seq_one_letter_code
;GAGDVVTRDVNKLPVAARE(MSE)IGKHFSQTKVAYIKIEKDLFQTTSYDVKLADGIELEFNSKGEWLEIDCKNKSVPST
FIPQAISKY(MSE)KANYNGHKTVKIERNRKGYELTLENGLEVDFDQFGGFLKLSD
;
_entity_poly.pdbx_strand_id   A,B
#
# COMPACT_ATOMS: atom_id res chain seq x y z
N ALA A 2 -12.27 8.92 -16.31
CA ALA A 2 -11.11 8.84 -15.36
C ALA A 2 -11.60 9.15 -13.95
N GLY A 3 -12.86 9.57 -13.90
CA GLY A 3 -13.51 10.06 -12.67
C GLY A 3 -14.10 8.94 -11.82
N ASP A 4 -14.25 9.21 -10.54
N ASP A 4 -14.38 9.36 -10.58
CA ASP A 4 -14.74 8.17 -9.64
CA ASP A 4 -15.07 8.56 -9.55
C ASP A 4 -16.29 8.24 -9.67
C ASP A 4 -16.48 8.26 -9.97
N VAL A 5 -16.95 7.08 -9.62
CA VAL A 5 -18.38 6.91 -9.73
C VAL A 5 -18.91 6.21 -8.50
N VAL A 6 -20.15 6.53 -8.16
CA VAL A 6 -20.87 5.86 -7.07
C VAL A 6 -22.12 5.20 -7.67
N THR A 7 -22.40 4.00 -7.17
CA THR A 7 -23.51 3.20 -7.63
C THR A 7 -24.04 2.27 -6.57
N ARG A 8 -25.30 1.91 -6.70
CA ARG A 8 -25.89 0.92 -5.79
C ARG A 8 -25.94 -0.47 -6.44
N ASP A 9 -25.51 -0.54 -7.68
CA ASP A 9 -25.68 -1.78 -8.52
C ASP A 9 -24.57 -2.75 -8.24
N VAL A 10 -24.86 -3.79 -7.48
CA VAL A 10 -23.81 -4.75 -7.07
C VAL A 10 -23.23 -5.51 -8.27
N ASN A 11 -23.94 -5.46 -9.39
CA ASN A 11 -23.46 -6.09 -10.64
C ASN A 11 -22.22 -5.36 -11.18
N LYS A 12 -21.95 -4.20 -10.58
CA LYS A 12 -20.81 -3.39 -10.96
C LYS A 12 -19.56 -3.76 -10.16
N LEU A 13 -19.73 -4.58 -9.13
CA LEU A 13 -18.58 -5.09 -8.35
C LEU A 13 -18.05 -6.35 -9.02
N PRO A 14 -16.74 -6.60 -8.93
CA PRO A 14 -16.21 -7.91 -9.38
C PRO A 14 -16.91 -9.02 -8.68
N VAL A 15 -17.07 -10.11 -9.40
CA VAL A 15 -17.78 -11.26 -8.85
C VAL A 15 -17.19 -11.67 -7.52
N ALA A 16 -15.87 -11.63 -7.42
CA ALA A 16 -15.21 -12.12 -6.20
C ALA A 16 -15.60 -11.28 -4.97
N ALA A 17 -15.84 -9.99 -5.20
CA ALA A 17 -16.23 -9.06 -4.11
C ALA A 17 -17.67 -9.36 -3.70
N ARG A 18 -18.51 -9.63 -4.70
CA ARG A 18 -19.92 -9.93 -4.44
C ARG A 18 -20.00 -11.21 -3.62
N GLU A 19 -19.18 -12.18 -3.99
N GLU A 19 -19.16 -12.17 -4.00
CA GLU A 19 -19.20 -13.49 -3.30
CA GLU A 19 -19.17 -13.48 -3.34
C GLU A 19 -18.71 -13.31 -1.86
C GLU A 19 -18.68 -13.35 -1.88
N ILE A 21 -18.88 -10.71 0.02
CA ILE A 21 -19.88 -9.98 0.82
C ILE A 21 -21.02 -10.92 1.17
N GLY A 22 -21.40 -11.73 0.19
CA GLY A 22 -22.49 -12.69 0.40
C GLY A 22 -22.16 -13.80 1.40
N LYS A 23 -20.90 -14.17 1.46
CA LYS A 23 -20.46 -15.27 2.31
C LYS A 23 -20.27 -14.78 3.73
N HIS A 24 -19.61 -13.64 3.87
CA HIS A 24 -19.07 -13.21 5.14
C HIS A 24 -19.85 -12.11 5.86
N PHE A 25 -20.74 -11.45 5.12
CA PHE A 25 -21.56 -10.31 5.59
C PHE A 25 -23.01 -10.47 5.20
N SER A 26 -23.52 -11.69 5.35
N SER A 26 -23.47 -11.70 5.40
CA SER A 26 -24.89 -11.99 4.95
CA SER A 26 -24.82 -12.12 5.07
C SER A 26 -25.91 -11.34 5.87
C SER A 26 -25.86 -11.32 5.85
N GLN A 27 -25.43 -10.84 7.01
CA GLN A 27 -26.32 -10.11 7.93
C GLN A 27 -26.71 -8.73 7.39
N THR A 28 -26.04 -8.28 6.34
CA THR A 28 -26.36 -6.98 5.78
C THR A 28 -26.30 -7.03 4.23
N LYS A 29 -26.26 -5.87 3.61
CA LYS A 29 -26.19 -5.81 2.17
C LYS A 29 -25.56 -4.51 1.75
N VAL A 30 -25.26 -4.42 0.47
CA VAL A 30 -24.58 -3.23 -0.06
C VAL A 30 -25.49 -2.02 -0.07
N ALA A 31 -24.99 -0.92 0.46
CA ALA A 31 -25.62 0.41 0.46
C ALA A 31 -25.20 1.15 -0.81
N TYR A 32 -23.90 1.32 -0.94
CA TYR A 32 -23.31 1.91 -2.15
C TYR A 32 -21.88 1.43 -2.38
N ILE A 33 -21.42 1.66 -3.61
CA ILE A 33 -20.08 1.30 -4.07
C ILE A 33 -19.46 2.51 -4.74
N LYS A 34 -18.29 2.93 -4.28
CA LYS A 34 -17.47 3.94 -4.96
C LYS A 34 -16.43 3.23 -5.80
N ILE A 35 -16.46 3.51 -7.09
CA ILE A 35 -15.51 2.93 -8.02
C ILE A 35 -14.51 4.04 -8.33
N GLU A 36 -13.28 3.79 -7.89
N GLU A 36 -13.28 3.87 -7.88
CA GLU A 36 -12.22 4.79 -7.83
CA GLU A 36 -12.29 4.92 -8.05
C GLU A 36 -10.99 4.37 -8.63
C GLU A 36 -10.96 4.41 -8.53
N LYS A 37 -10.27 5.35 -9.15
CA LYS A 37 -8.98 5.10 -9.78
C LYS A 37 -7.95 5.74 -8.92
N ASP A 38 -6.83 5.05 -8.76
CA ASP A 38 -5.71 5.57 -7.97
C ASP A 38 -4.69 6.25 -8.84
N LEU A 39 -3.52 6.57 -8.26
CA LEU A 39 -2.49 7.34 -8.97
C LEU A 39 -1.83 6.52 -10.07
N PHE A 40 -2.10 5.22 -10.04
CA PHE A 40 -1.60 4.31 -11.06
C PHE A 40 -2.69 4.03 -12.10
N GLN A 41 -3.80 4.74 -11.93
CA GLN A 41 -5.00 4.59 -12.73
C GLN A 41 -5.60 3.18 -12.60
N THR A 42 -5.41 2.60 -11.44
CA THR A 42 -5.95 1.24 -11.12
C THR A 42 -7.26 1.41 -10.41
N THR A 43 -8.22 0.54 -10.74
CA THR A 43 -9.55 0.59 -10.13
C THR A 43 -9.59 -0.16 -8.81
N SER A 44 -10.22 0.50 -7.84
CA SER A 44 -10.64 -0.12 -6.58
C SER A 44 -12.09 0.22 -6.29
N TYR A 45 -12.61 -0.54 -5.36
CA TYR A 45 -14.01 -0.48 -4.99
C TYR A 45 -14.09 -0.28 -3.48
N ASP A 46 -14.72 0.81 -3.11
N ASP A 46 -14.73 0.82 -3.10
CA ASP A 46 -14.96 1.11 -1.72
CA ASP A 46 -14.98 1.16 -1.70
C ASP A 46 -16.44 0.95 -1.46
C ASP A 46 -16.44 0.97 -1.44
N VAL A 47 -16.76 -0.05 -0.66
CA VAL A 47 -18.16 -0.46 -0.47
C VAL A 47 -18.64 -0.17 0.92
N LYS A 48 -19.78 0.52 1.02
N LYS A 48 -19.78 0.50 1.02
CA LYS A 48 -20.45 0.74 2.28
CA LYS A 48 -20.42 0.74 2.32
C LYS A 48 -21.59 -0.25 2.36
C LYS A 48 -21.66 -0.13 2.46
N LEU A 49 -21.63 -0.99 3.48
CA LEU A 49 -22.77 -1.86 3.76
C LEU A 49 -23.83 -1.08 4.55
N ALA A 50 -25.07 -1.55 4.49
CA ALA A 50 -26.20 -0.81 5.05
C ALA A 50 -26.07 -0.65 6.56
N ASP A 51 -25.38 -1.58 7.19
CA ASP A 51 -25.11 -1.53 8.62
C ASP A 51 -23.90 -0.70 9.04
N GLY A 52 -23.26 -0.09 8.06
CA GLY A 52 -22.15 0.84 8.31
C GLY A 52 -20.77 0.26 8.07
N ILE A 53 -20.69 -1.08 7.97
CA ILE A 53 -19.40 -1.69 7.65
C ILE A 53 -18.85 -1.17 6.33
N GLU A 54 -17.51 -1.03 6.24
CA GLU A 54 -16.87 -0.51 5.02
C GLU A 54 -15.81 -1.51 4.61
N LEU A 55 -15.88 -1.87 3.34
CA LEU A 55 -14.93 -2.81 2.71
C LEU A 55 -14.29 -2.14 1.53
N GLU A 56 -13.04 -2.50 1.28
N GLU A 56 -13.02 -2.46 1.31
CA GLU A 56 -12.38 -2.03 0.08
CA GLU A 56 -12.31 -2.00 0.10
C GLU A 56 -11.86 -3.25 -0.62
C GLU A 56 -11.74 -3.21 -0.62
N PHE A 57 -11.94 -3.22 -1.95
CA PHE A 57 -11.48 -4.31 -2.80
C PHE A 57 -10.61 -3.79 -3.92
N ASN A 58 -9.70 -4.64 -4.37
CA ASN A 58 -8.90 -4.30 -5.56
C ASN A 58 -9.63 -4.56 -6.83
N SER A 59 -8.92 -4.40 -7.93
CA SER A 59 -9.54 -4.42 -9.25
C SER A 59 -10.12 -5.77 -9.59
N LYS A 60 -9.61 -6.79 -8.91
CA LYS A 60 -10.00 -8.19 -9.07
C LYS A 60 -11.01 -8.66 -8.04
N GLY A 61 -11.43 -7.76 -7.17
CA GLY A 61 -12.38 -8.12 -6.14
C GLY A 61 -11.77 -8.81 -4.91
N GLU A 62 -10.45 -8.74 -4.79
CA GLU A 62 -9.78 -9.21 -3.56
C GLU A 62 -9.75 -8.14 -2.49
N TRP A 63 -10.14 -8.49 -1.29
CA TRP A 63 -10.24 -7.45 -0.26
C TRP A 63 -8.89 -6.86 0.12
N LEU A 64 -8.97 -5.54 0.39
CA LEU A 64 -7.85 -4.74 0.86
C LEU A 64 -8.03 -4.24 2.28
N GLU A 65 -9.26 -3.89 2.63
N GLU A 65 -9.27 -3.89 2.62
CA GLU A 65 -9.56 -3.40 3.95
CA GLU A 65 -9.60 -3.35 3.93
C GLU A 65 -10.92 -3.86 4.33
C GLU A 65 -10.94 -3.87 4.33
N ILE A 66 -11.01 -4.28 5.58
CA ILE A 66 -12.27 -4.70 6.19
C ILE A 66 -12.44 -3.92 7.47
N ASP A 67 -13.42 -3.01 7.48
CA ASP A 67 -13.65 -2.11 8.63
C ASP A 67 -15.02 -2.36 9.25
N CYS A 68 -15.00 -3.11 10.35
CA CYS A 68 -16.24 -3.46 11.08
C CYS A 68 -16.63 -2.49 12.17
N LYS A 69 -15.95 -1.36 12.18
CA LYS A 69 -16.30 -0.20 12.98
C LYS A 69 -16.13 -0.48 14.47
N ASN A 70 -17.19 -0.91 15.16
CA ASN A 70 -17.07 -1.28 16.60
C ASN A 70 -17.19 -2.76 16.87
N LYS A 71 -17.32 -3.53 15.80
CA LYS A 71 -17.40 -4.97 15.95
C LYS A 71 -16.12 -5.59 15.45
N SER A 72 -15.95 -6.85 15.81
CA SER A 72 -14.77 -7.63 15.45
C SER A 72 -14.80 -8.05 13.99
N VAL A 73 -13.64 -7.98 13.37
N VAL A 73 -13.70 -7.90 13.28
CA VAL A 73 -13.42 -8.57 12.07
CA VAL A 73 -13.68 -8.45 11.96
C VAL A 73 -13.68 -10.08 12.12
C VAL A 73 -13.74 -9.96 12.08
N PRO A 74 -14.43 -10.61 11.16
CA PRO A 74 -14.50 -12.08 11.16
C PRO A 74 -13.13 -12.75 11.14
N SER A 75 -12.96 -13.74 12.01
CA SER A 75 -11.63 -14.30 12.30
C SER A 75 -10.98 -14.95 11.08
N THR A 76 -11.80 -15.34 10.11
CA THR A 76 -11.26 -16.02 8.91
C THR A 76 -10.27 -15.16 8.13
N PHE A 77 -10.39 -13.86 8.33
CA PHE A 77 -9.62 -12.88 7.57
C PHE A 77 -8.22 -12.62 8.17
N ILE A 78 -8.07 -13.07 9.42
CA ILE A 78 -6.85 -12.83 10.20
C ILE A 78 -5.94 -14.03 10.04
N PRO A 79 -4.73 -13.84 9.46
CA PRO A 79 -3.85 -15.02 9.36
C PRO A 79 -3.57 -15.66 10.72
N GLN A 80 -3.39 -16.98 10.70
CA GLN A 80 -3.20 -17.73 11.95
C GLN A 80 -2.02 -17.20 12.81
N ALA A 81 -0.91 -16.87 12.15
CA ALA A 81 0.28 -16.40 12.88
C ALA A 81 -0.07 -15.09 13.61
N ILE A 82 -0.92 -14.28 12.96
CA ILE A 82 -1.27 -12.95 13.48
C ILE A 82 -2.25 -13.13 14.65
N SER A 83 -3.22 -14.03 14.50
N SER A 83 -3.18 -14.06 14.48
CA SER A 83 -4.19 -14.27 15.59
CA SER A 83 -4.16 -14.38 15.52
C SER A 83 -3.47 -14.82 16.84
C SER A 83 -3.45 -14.80 16.81
N LYS A 84 -2.45 -15.62 16.61
CA LYS A 84 -1.66 -16.17 17.71
C LYS A 84 -1.00 -15.03 18.45
N TYR A 85 -0.39 -14.16 17.68
N TYR A 85 -0.39 -14.15 17.69
CA TYR A 85 0.30 -13.02 18.26
CA TYR A 85 0.32 -13.00 18.28
C TYR A 85 -0.65 -12.14 19.03
C TYR A 85 -0.63 -12.08 19.01
N LYS A 87 -3.46 -12.85 20.39
CA LYS A 87 -4.02 -13.54 21.56
C LYS A 87 -3.01 -13.45 22.70
N ALA A 88 -1.74 -13.53 22.33
CA ALA A 88 -0.64 -13.60 23.32
C ALA A 88 -0.31 -12.23 23.88
N ASN A 89 -0.61 -11.21 23.07
CA ASN A 89 -0.08 -9.86 23.32
C ASN A 89 -1.09 -8.78 23.49
N TYR A 90 -2.21 -8.94 22.81
CA TYR A 90 -3.26 -7.94 22.85
C TYR A 90 -4.56 -8.69 23.16
N ASN A 91 -4.45 -9.62 24.11
CA ASN A 91 -5.61 -10.43 24.52
C ASN A 91 -6.77 -9.60 25.06
N GLY A 92 -7.97 -10.08 24.77
CA GLY A 92 -9.19 -9.42 25.24
C GLY A 92 -9.57 -8.17 24.45
N HIS A 93 -8.67 -7.76 23.56
CA HIS A 93 -8.92 -6.61 22.65
C HIS A 93 -9.55 -7.11 21.37
N LYS A 94 -10.43 -6.30 20.80
CA LYS A 94 -11.09 -6.65 19.53
C LYS A 94 -10.35 -6.03 18.39
N THR A 95 -10.06 -6.80 17.34
CA THR A 95 -9.66 -6.21 16.06
C THR A 95 -10.90 -5.80 15.28
N VAL A 96 -11.02 -4.51 15.05
CA VAL A 96 -12.23 -3.95 14.42
C VAL A 96 -12.02 -3.59 12.96
N LYS A 97 -10.74 -3.59 12.55
N LYS A 97 -10.75 -3.56 12.55
CA LYS A 97 -10.36 -3.25 11.17
CA LYS A 97 -10.37 -3.23 11.17
C LYS A 97 -9.08 -3.97 10.81
C LYS A 97 -9.08 -3.96 10.80
N ILE A 98 -9.05 -4.51 9.61
CA ILE A 98 -7.83 -5.10 9.07
C ILE A 98 -7.62 -4.60 7.66
N GLU A 99 -6.38 -4.25 7.38
N GLU A 99 -6.37 -4.30 7.39
CA GLU A 99 -5.92 -3.87 6.04
CA GLU A 99 -5.90 -3.90 6.07
C GLU A 99 -4.70 -4.67 5.65
C GLU A 99 -4.78 -4.83 5.69
N ARG A 100 -4.69 -5.09 4.39
CA ARG A 100 -3.57 -5.85 3.84
C ARG A 100 -3.07 -5.17 2.57
N ASN A 101 -1.77 -5.19 2.45
CA ASN A 101 -1.14 -4.65 1.28
C ASN A 101 0.14 -5.42 0.98
N ARG A 102 0.89 -4.96 -0.02
CA ARG A 102 2.04 -5.72 -0.46
C ARG A 102 3.13 -5.83 0.63
N LYS A 103 3.04 -4.97 1.63
CA LYS A 103 4.03 -4.94 2.71
C LYS A 103 3.57 -5.68 3.96
N GLY A 104 2.31 -6.06 4.00
CA GLY A 104 1.80 -6.82 5.14
C GLY A 104 0.41 -6.50 5.57
N TYR A 105 0.22 -6.53 6.89
CA TYR A 105 -1.09 -6.39 7.54
C TYR A 105 -1.08 -5.32 8.64
N GLU A 106 -2.21 -4.64 8.74
CA GLU A 106 -2.38 -3.66 9.81
C GLU A 106 -3.70 -3.94 10.46
N LEU A 107 -3.63 -4.31 11.73
CA LEU A 107 -4.83 -4.55 12.51
C LEU A 107 -5.10 -3.43 13.48
N THR A 108 -6.32 -2.88 13.42
CA THR A 108 -6.69 -1.77 14.27
C THR A 108 -7.63 -2.23 15.36
N LEU A 109 -7.26 -1.91 16.59
CA LEU A 109 -8.05 -2.31 17.74
C LEU A 109 -9.14 -1.28 18.04
N GLU A 110 -10.01 -1.69 18.92
CA GLU A 110 -11.16 -0.88 19.31
C GLU A 110 -10.71 0.46 19.86
N ASN A 111 -9.55 0.44 20.53
CA ASN A 111 -8.97 1.65 21.14
C ASN A 111 -8.15 2.51 20.17
N GLY A 112 -8.12 2.07 18.93
CA GLY A 112 -7.44 2.78 17.88
C GLY A 112 -5.96 2.47 17.67
N LEU A 113 -5.45 1.64 18.55
CA LEU A 113 -4.08 1.13 18.36
C LEU A 113 -4.03 0.40 17.04
N GLU A 114 -2.96 0.62 16.26
CA GLU A 114 -2.74 -0.15 15.03
C GLU A 114 -1.54 -1.05 15.22
N VAL A 115 -1.75 -2.33 14.97
CA VAL A 115 -0.70 -3.31 15.12
C VAL A 115 -0.28 -3.78 13.73
N ASP A 116 1.00 -3.54 13.42
CA ASP A 116 1.55 -3.81 12.07
C ASP A 116 2.40 -5.07 12.01
N PHE A 117 2.13 -5.84 10.98
CA PHE A 117 2.82 -7.12 10.67
C PHE A 117 3.33 -7.16 9.24
N ASP A 118 4.39 -7.94 9.02
CA ASP A 118 4.85 -8.18 7.65
C ASP A 118 3.97 -9.20 6.95
N GLN A 119 4.34 -9.53 5.73
N GLN A 119 4.35 -9.52 5.73
CA GLN A 119 3.48 -10.39 4.89
CA GLN A 119 3.58 -10.40 4.84
C GLN A 119 3.44 -11.81 5.43
C GLN A 119 3.47 -11.79 5.41
N PHE A 120 4.38 -12.10 6.32
CA PHE A 120 4.50 -13.45 6.92
C PHE A 120 3.84 -13.55 8.27
N GLY A 121 3.31 -12.42 8.71
CA GLY A 121 2.67 -12.35 10.00
C GLY A 121 3.61 -12.10 11.17
N GLY A 122 4.81 -11.67 10.80
CA GLY A 122 5.76 -11.18 11.78
C GLY A 122 5.47 -9.80 12.29
N PHE A 123 5.48 -9.65 13.60
CA PHE A 123 5.24 -8.31 14.23
C PHE A 123 6.28 -7.29 13.78
N LEU A 124 5.83 -6.10 13.43
CA LEU A 124 6.72 -5.01 13.11
C LEU A 124 6.71 -3.92 14.15
N LYS A 125 5.52 -3.35 14.39
N LYS A 125 5.53 -3.35 14.38
CA LYS A 125 5.43 -2.19 15.31
CA LYS A 125 5.42 -2.19 15.30
C LYS A 125 3.99 -1.82 15.59
C LYS A 125 3.99 -1.82 15.60
N LEU A 126 3.84 -1.04 16.65
CA LEU A 126 2.59 -0.36 16.94
C LEU A 126 2.63 0.95 16.19
N SER A 127 1.49 1.31 15.64
N SER A 127 1.47 1.30 15.65
CA SER A 127 1.32 2.62 15.01
CA SER A 127 1.30 2.54 14.88
C SER A 127 -0.10 3.14 15.16
C SER A 127 -0.08 3.12 15.14
N ASP A 128 -0.49 3.98 14.22
CA ASP A 128 -1.84 4.52 14.22
C ASP A 128 -2.29 5.02 12.86
N GLY B 3 7.68 -18.34 -6.39
CA GLY B 3 9.18 -18.51 -6.60
C GLY B 3 9.94 -17.27 -7.12
N ASP B 4 10.62 -16.60 -6.20
CA ASP B 4 11.27 -15.33 -6.50
C ASP B 4 12.59 -15.61 -7.17
N VAL B 5 12.99 -14.73 -8.09
CA VAL B 5 14.26 -14.90 -8.79
C VAL B 5 15.06 -13.62 -8.77
N VAL B 6 16.38 -13.78 -8.81
CA VAL B 6 17.28 -12.64 -9.05
C VAL B 6 17.95 -12.85 -10.38
N THR B 7 18.00 -11.78 -11.13
CA THR B 7 18.60 -11.77 -12.46
C THR B 7 19.41 -10.51 -12.68
N ARG B 8 20.43 -10.65 -13.54
CA ARG B 8 21.20 -9.52 -14.04
C ARG B 8 20.79 -9.10 -15.47
N ASP B 9 19.77 -9.77 -15.98
CA ASP B 9 19.25 -9.50 -17.35
C ASP B 9 18.23 -8.39 -17.36
N VAL B 10 18.63 -7.21 -17.84
CA VAL B 10 17.74 -6.04 -17.79
C VAL B 10 16.53 -6.24 -18.75
N ASN B 11 16.66 -7.16 -19.69
CA ASN B 11 15.53 -7.47 -20.60
C ASN B 11 14.35 -8.07 -19.86
N LYS B 12 14.61 -8.51 -18.64
CA LYS B 12 13.57 -9.05 -17.78
C LYS B 12 12.83 -8.04 -16.91
N LEU B 13 13.27 -6.80 -17.02
CA LEU B 13 12.65 -5.65 -16.34
C LEU B 13 11.68 -5.00 -17.34
N PRO B 14 10.47 -4.64 -16.91
CA PRO B 14 9.62 -3.95 -17.87
C PRO B 14 10.29 -2.72 -18.43
N VAL B 15 9.90 -2.42 -19.65
CA VAL B 15 10.48 -1.31 -20.41
C VAL B 15 10.25 0.03 -19.71
N ALA B 16 9.09 0.20 -19.08
CA ALA B 16 8.84 1.46 -18.36
C ALA B 16 9.90 1.71 -17.27
N ALA B 17 10.33 0.63 -16.64
CA ALA B 17 11.36 0.70 -15.59
C ALA B 17 12.73 0.94 -16.21
N ARG B 18 13.01 0.27 -17.31
CA ARG B 18 14.29 0.45 -18.02
C ARG B 18 14.44 1.90 -18.47
N GLU B 19 13.34 2.45 -18.95
CA GLU B 19 13.33 3.85 -19.43
C GLU B 19 13.56 4.84 -18.29
N ILE B 21 15.01 4.30 -15.46
CA ILE B 21 16.41 4.18 -14.97
C ILE B 21 17.36 4.89 -15.93
N GLY B 22 17.14 4.64 -17.21
CA GLY B 22 17.97 5.21 -18.27
C GLY B 22 17.89 6.73 -18.28
N LYS B 23 16.78 7.27 -17.84
CA LYS B 23 16.54 8.69 -18.01
C LYS B 23 16.94 9.46 -16.77
N HIS B 24 16.68 8.87 -15.61
CA HIS B 24 16.81 9.59 -14.35
C HIS B 24 17.94 9.13 -13.48
N PHE B 25 18.53 7.97 -13.82
CA PHE B 25 19.64 7.39 -13.05
C PHE B 25 20.68 7.03 -14.02
N SER B 26 20.77 7.96 -14.96
N SER B 26 20.80 7.92 -14.97
CA SER B 26 21.66 7.90 -16.11
CA SER B 26 21.65 7.71 -16.11
C SER B 26 23.13 7.64 -15.79
C SER B 26 23.14 7.58 -15.78
N GLN B 27 23.52 8.04 -14.60
CA GLN B 27 24.95 8.01 -14.21
C GLN B 27 25.41 6.62 -13.80
N THR B 28 24.44 5.73 -13.59
CA THR B 28 24.75 4.40 -13.12
C THR B 28 24.05 3.34 -14.01
N LYS B 29 24.01 2.12 -13.52
CA LYS B 29 23.40 1.06 -14.28
C LYS B 29 22.85 0.03 -13.30
N VAL B 30 22.05 -0.85 -13.84
CA VAL B 30 21.46 -1.95 -13.01
C VAL B 30 22.57 -2.92 -12.63
N ALA B 31 22.59 -3.25 -11.33
CA ALA B 31 23.43 -4.30 -10.75
C ALA B 31 22.70 -5.68 -10.81
N TYR B 32 21.51 -5.66 -10.26
CA TYR B 32 20.62 -6.85 -10.29
C TYR B 32 19.16 -6.43 -10.03
N ILE B 33 18.31 -7.39 -10.38
CA ILE B 33 16.85 -7.26 -10.26
C ILE B 33 16.30 -8.48 -9.54
N LYS B 34 15.62 -8.24 -8.44
N LYS B 34 15.57 -8.20 -8.48
CA LYS B 34 14.86 -9.32 -7.82
CA LYS B 34 14.84 -9.23 -7.70
C LYS B 34 13.42 -9.18 -8.25
C LYS B 34 13.35 -9.20 -8.09
N ILE B 35 12.87 -10.30 -8.67
CA ILE B 35 11.50 -10.39 -9.14
C ILE B 35 10.74 -11.24 -8.15
N GLU B 36 9.73 -10.65 -7.53
CA GLU B 36 9.09 -11.33 -6.41
C GLU B 36 7.59 -11.12 -6.50
N LYS B 37 6.89 -12.08 -5.92
CA LYS B 37 5.44 -12.01 -5.88
C LYS B 37 4.98 -11.68 -4.46
N ASP B 38 3.99 -10.80 -4.39
CA ASP B 38 3.40 -10.35 -3.10
C ASP B 38 2.23 -11.26 -2.72
N LEU B 39 1.56 -10.92 -1.61
CA LEU B 39 0.57 -11.79 -1.00
C LEU B 39 -0.66 -11.85 -1.88
N PHE B 40 -0.71 -10.95 -2.84
CA PHE B 40 -1.77 -10.97 -3.85
C PHE B 40 -1.33 -11.75 -5.08
N GLN B 41 -0.13 -12.32 -5.06
CA GLN B 41 0.46 -13.00 -6.22
C GLN B 41 0.82 -12.05 -7.37
N THR B 42 1.00 -10.79 -7.02
CA THR B 42 1.35 -9.71 -7.98
C THR B 42 2.86 -9.54 -8.00
N THR B 43 3.43 -9.43 -9.21
CA THR B 43 4.87 -9.27 -9.40
C THR B 43 5.32 -7.84 -9.15
N SER B 44 6.48 -7.72 -8.52
CA SER B 44 7.17 -6.43 -8.40
C SER B 44 8.64 -6.74 -8.63
N TYR B 45 9.35 -5.67 -8.91
CA TYR B 45 10.76 -5.68 -9.24
C TYR B 45 11.51 -4.78 -8.29
N ASP B 46 12.49 -5.35 -7.59
CA ASP B 46 13.36 -4.62 -6.66
C ASP B 46 14.73 -4.58 -7.30
N VAL B 47 15.09 -3.37 -7.70
CA VAL B 47 16.30 -3.16 -8.50
C VAL B 47 17.40 -2.49 -7.70
N LYS B 48 18.60 -3.07 -7.74
N LYS B 48 18.61 -3.05 -7.77
CA LYS B 48 19.77 -2.46 -7.17
CA LYS B 48 19.78 -2.46 -7.14
C LYS B 48 20.56 -1.88 -8.32
C LYS B 48 20.70 -1.92 -8.22
N LEU B 49 20.96 -0.61 -8.17
CA LEU B 49 21.86 0.05 -9.10
C LEU B 49 23.26 -0.04 -8.61
N ALA B 50 24.21 0.02 -9.54
CA ALA B 50 25.62 -0.22 -9.21
C ALA B 50 26.15 0.78 -8.19
N ASP B 51 25.52 1.95 -8.13
CA ASP B 51 25.91 3.01 -7.17
C ASP B 51 25.21 2.94 -5.81
N GLY B 52 24.42 1.88 -5.62
CA GLY B 52 23.81 1.60 -4.34
C GLY B 52 22.35 1.97 -4.25
N ILE B 53 21.90 2.77 -5.20
CA ILE B 53 20.49 3.20 -5.19
C ILE B 53 19.58 1.97 -5.34
N GLU B 54 18.45 1.98 -4.65
CA GLU B 54 17.48 0.89 -4.69
C GLU B 54 16.16 1.44 -5.20
N LEU B 55 15.60 0.76 -6.19
CA LEU B 55 14.30 1.15 -6.80
C LEU B 55 13.35 -0.01 -6.78
N GLU B 56 12.08 0.24 -6.46
N GLU B 56 12.08 0.29 -6.57
CA GLU B 56 11.04 -0.82 -6.56
CA GLU B 56 11.06 -0.73 -6.62
C GLU B 56 9.97 -0.38 -7.56
C GLU B 56 10.04 -0.33 -7.65
N PHE B 57 9.62 -1.31 -8.45
CA PHE B 57 8.62 -1.09 -9.49
C PHE B 57 7.50 -2.12 -9.38
N ASN B 58 6.32 -1.69 -9.83
CA ASN B 58 5.17 -2.60 -9.94
C ASN B 58 5.26 -3.49 -11.17
N SER B 59 4.20 -4.24 -11.38
N SER B 59 4.20 -4.24 -11.38
CA SER B 59 4.18 -5.30 -12.40
CA SER B 59 4.18 -5.30 -12.41
C SER B 59 4.28 -4.73 -13.81
C SER B 59 4.34 -4.71 -13.80
N LYS B 60 4.00 -3.44 -13.92
CA LYS B 60 4.04 -2.72 -15.20
C LYS B 60 5.31 -1.89 -15.35
N GLY B 61 6.15 -1.93 -14.34
CA GLY B 61 7.37 -1.15 -14.36
C GLY B 61 7.22 0.31 -13.90
N GLU B 62 6.09 0.61 -13.28
CA GLU B 62 5.86 1.93 -12.66
C GLU B 62 6.48 1.98 -11.29
N TRP B 63 7.26 3.01 -10.99
CA TRP B 63 7.96 3.03 -9.71
C TRP B 63 7.04 3.14 -8.50
N LEU B 64 7.45 2.41 -7.46
CA LEU B 64 6.81 2.39 -6.14
C LEU B 64 7.65 3.03 -5.07
N GLU B 65 8.95 2.85 -5.18
N GLU B 65 8.96 2.83 -5.18
CA GLU B 65 9.86 3.37 -4.19
CA GLU B 65 9.90 3.32 -4.17
C GLU B 65 11.18 3.72 -4.81
C GLU B 65 11.19 3.72 -4.83
N ILE B 66 11.69 4.87 -4.40
CA ILE B 66 12.99 5.32 -4.83
C ILE B 66 13.81 5.65 -3.59
N ASP B 67 14.86 4.86 -3.35
CA ASP B 67 15.71 5.03 -2.19
C ASP B 67 17.11 5.40 -2.58
N CYS B 68 17.45 6.68 -2.42
CA CYS B 68 18.76 7.16 -2.82
C CYS B 68 19.74 7.20 -1.67
N LYS B 69 19.36 6.53 -0.58
CA LYS B 69 20.24 6.22 0.53
C LYS B 69 20.54 7.48 1.34
N ASN B 70 21.67 8.09 1.05
CA ASN B 70 22.08 9.30 1.78
C ASN B 70 21.96 10.55 0.92
N LYS B 71 21.56 10.34 -0.32
CA LYS B 71 21.42 11.44 -1.25
C LYS B 71 19.96 11.72 -1.57
N SER B 72 19.72 12.94 -2.04
CA SER B 72 18.38 13.39 -2.45
C SER B 72 17.84 12.63 -3.66
N VAL B 73 16.57 12.29 -3.55
N VAL B 73 16.55 12.32 -3.54
CA VAL B 73 15.86 11.73 -4.68
CA VAL B 73 15.74 11.82 -4.65
C VAL B 73 15.66 12.85 -5.74
C VAL B 73 15.66 12.90 -5.75
N PRO B 74 15.79 12.51 -7.03
CA PRO B 74 15.58 13.54 -8.06
C PRO B 74 14.23 14.21 -7.95
N SER B 75 14.23 15.54 -8.12
CA SER B 75 13.04 16.39 -7.86
C SER B 75 11.87 16.03 -8.75
N THR B 76 12.20 15.46 -9.90
CA THR B 76 11.18 15.08 -10.86
C THR B 76 10.15 14.13 -10.27
N PHE B 77 10.59 13.34 -9.29
CA PHE B 77 9.73 12.35 -8.68
C PHE B 77 8.82 12.88 -7.60
N ILE B 78 9.11 14.09 -7.16
CA ILE B 78 8.34 14.73 -6.09
C ILE B 78 7.28 15.69 -6.68
N PRO B 79 6.00 15.39 -6.46
CA PRO B 79 4.94 16.27 -6.96
C PRO B 79 5.09 17.70 -6.46
N GLN B 80 4.72 18.63 -7.31
CA GLN B 80 4.91 20.03 -7.04
C GLN B 80 4.33 20.44 -5.71
N ALA B 81 3.14 19.95 -5.40
CA ALA B 81 2.47 20.36 -4.15
C ALA B 81 3.29 19.92 -2.95
N ILE B 82 3.90 18.74 -3.11
CA ILE B 82 4.66 18.16 -2.02
C ILE B 82 6.01 18.90 -1.88
N SER B 83 6.66 19.19 -2.99
CA SER B 83 7.96 19.93 -2.92
C SER B 83 7.79 21.32 -2.31
N LYS B 84 6.62 21.89 -2.56
CA LYS B 84 6.26 23.21 -2.02
C LYS B 84 6.21 23.10 -0.49
N TYR B 85 5.57 22.04 -0.02
CA TYR B 85 5.44 21.80 1.40
C TYR B 85 6.78 21.51 2.05
N LYS B 87 9.67 22.42 1.09
CA LYS B 87 10.53 23.61 1.06
C LYS B 87 10.11 24.55 2.18
N ALA B 88 8.80 24.60 2.44
CA ALA B 88 8.21 25.56 3.40
C ALA B 88 8.45 25.12 4.84
N ASN B 89 8.58 23.81 5.01
CA ASN B 89 8.60 23.20 6.35
C ASN B 89 9.88 22.52 6.74
N TYR B 90 10.63 22.08 5.74
CA TYR B 90 11.83 21.26 5.96
C TYR B 90 12.99 21.65 5.07
N ASN B 91 13.07 22.94 4.80
CA ASN B 91 14.13 23.49 3.97
C ASN B 91 15.50 23.02 4.40
N GLY B 92 16.27 22.59 3.42
CA GLY B 92 17.62 22.14 3.67
C GLY B 92 17.75 20.68 4.01
N HIS B 93 16.65 20.06 4.38
CA HIS B 93 16.62 18.59 4.60
C HIS B 93 16.58 17.94 3.24
N LYS B 94 17.20 16.76 3.16
CA LYS B 94 17.20 15.93 1.95
C LYS B 94 16.13 14.87 2.08
N THR B 95 15.27 14.77 1.06
CA THR B 95 14.37 13.61 0.94
C THR B 95 15.19 12.54 0.26
N VAL B 96 15.47 11.48 1.01
CA VAL B 96 16.40 10.45 0.56
C VAL B 96 15.68 9.22 0.04
N LYS B 97 14.40 9.14 0.37
N LYS B 97 14.40 9.16 0.35
CA LYS B 97 13.53 8.08 -0.12
CA LYS B 97 13.54 8.07 -0.11
C LYS B 97 12.13 8.60 -0.31
C LYS B 97 12.12 8.59 -0.31
N ILE B 98 11.51 8.18 -1.41
CA ILE B 98 10.10 8.45 -1.64
C ILE B 98 9.42 7.14 -2.02
N GLU B 99 8.23 6.95 -1.47
CA GLU B 99 7.35 5.84 -1.77
C GLU B 99 5.99 6.40 -2.22
N ARG B 100 5.40 5.75 -3.21
CA ARG B 100 4.03 6.06 -3.55
C ARG B 100 3.20 4.81 -3.65
N ASN B 101 1.99 4.94 -3.20
CA ASN B 101 1.07 3.86 -3.30
C ASN B 101 -0.30 4.43 -3.55
N ARG B 102 -1.27 3.55 -3.43
CA ARG B 102 -2.67 3.93 -3.70
C ARG B 102 -3.18 4.97 -2.71
N LYS B 103 -2.44 5.16 -1.64
CA LYS B 103 -2.95 6.04 -0.58
C LYS B 103 -2.27 7.39 -0.58
N GLY B 104 -1.24 7.48 -1.42
CA GLY B 104 -0.46 8.69 -1.46
C GLY B 104 1.03 8.48 -1.49
N TYR B 105 1.70 9.39 -0.82
CA TYR B 105 3.17 9.50 -0.88
C TYR B 105 3.75 9.52 0.51
N GLU B 106 4.92 8.92 0.64
N GLU B 106 4.90 8.87 0.66
CA GLU B 106 5.66 8.96 1.88
CA GLU B 106 5.65 8.99 1.89
C GLU B 106 7.10 9.36 1.60
C GLU B 106 7.10 9.36 1.60
N LEU B 107 7.51 10.49 2.17
CA LEU B 107 8.86 10.98 1.97
C LEU B 107 9.63 10.83 3.25
N THR B 108 10.83 10.28 3.13
CA THR B 108 11.68 10.06 4.28
C THR B 108 12.87 10.96 4.17
N LEU B 109 13.09 11.73 5.21
CA LEU B 109 14.23 12.59 5.28
C LEU B 109 15.49 11.87 5.73
N GLU B 110 16.58 12.58 5.55
CA GLU B 110 17.88 12.03 5.92
C GLU B 110 17.93 11.68 7.42
N ASN B 111 17.13 12.40 8.21
CA ASN B 111 17.10 12.26 9.68
C ASN B 111 16.09 11.18 10.14
N GLY B 112 15.48 10.53 9.16
CA GLY B 112 14.54 9.43 9.41
C GLY B 112 13.09 9.81 9.56
N LEU B 113 12.82 11.12 9.57
CA LEU B 113 11.43 11.57 9.66
C LEU B 113 10.69 11.18 8.38
N GLU B 114 9.49 10.65 8.54
N GLU B 114 9.48 10.68 8.56
CA GLU B 114 8.61 10.35 7.42
CA GLU B 114 8.61 10.36 7.45
C GLU B 114 7.48 11.34 7.39
C GLU B 114 7.47 11.34 7.40
N VAL B 115 7.27 11.89 6.20
CA VAL B 115 6.24 12.85 5.96
C VAL B 115 5.28 12.28 4.93
N ASP B 116 4.02 12.16 5.34
CA ASP B 116 2.96 11.49 4.54
C ASP B 116 1.97 12.47 3.94
N PHE B 117 1.69 12.24 2.67
CA PHE B 117 0.76 13.04 1.84
C PHE B 117 -0.29 12.14 1.20
N ASP B 118 -1.45 12.72 0.93
CA ASP B 118 -2.47 11.99 0.15
C ASP B 118 -2.11 12.01 -1.32
N GLN B 119 -3.00 11.42 -2.12
N GLN B 119 -2.98 11.41 -2.12
CA GLN B 119 -2.77 11.24 -3.54
CA GLN B 119 -2.71 11.24 -3.54
C GLN B 119 -2.69 12.55 -4.29
C GLN B 119 -2.68 12.56 -4.28
N PHE B 120 -3.22 13.60 -3.65
CA PHE B 120 -3.29 14.94 -4.27
C PHE B 120 -2.16 15.80 -3.77
N GLY B 121 -1.35 15.22 -2.90
CA GLY B 121 -0.18 15.90 -2.36
C GLY B 121 -0.50 16.80 -1.19
N GLY B 122 -1.66 16.55 -0.60
CA GLY B 122 -2.05 17.18 0.66
C GLY B 122 -1.42 16.49 1.84
N PHE B 123 -0.87 17.29 2.76
CA PHE B 123 -0.25 16.77 3.97
C PHE B 123 -1.23 15.99 4.83
N LEU B 124 -0.82 14.80 5.23
CA LEU B 124 -1.64 13.98 6.12
C LEU B 124 -1.06 14.00 7.51
N LYS B 125 0.18 13.59 7.60
CA LYS B 125 0.84 13.45 8.87
C LYS B 125 2.28 13.06 8.80
N LEU B 126 2.85 13.07 10.00
CA LEU B 126 4.22 12.59 10.22
C LEU B 126 4.17 11.18 10.76
N SER B 127 5.17 10.40 10.35
CA SER B 127 5.35 9.04 10.86
C SER B 127 6.79 8.74 11.19
N ASP B 128 7.01 7.55 11.70
CA ASP B 128 8.37 7.06 12.04
C ASP B 128 8.62 5.65 11.48
#